data_7XRP
#
_entry.id   7XRP
#
_cell.length_a   1.00
_cell.length_b   1.00
_cell.length_c   1.00
_cell.angle_alpha   90.00
_cell.angle_beta   90.00
_cell.angle_gamma   90.00
#
_symmetry.space_group_name_H-M   'P 1'
#
loop_
_entity.id
_entity.type
_entity.pdbx_description
1 polymer 'Spike protein S1'
2 polymer 'C5G2 nanobody'
3 polymer 'Spike protein S1'
4 non-polymer 2-acetamido-2-deoxy-beta-D-glucopyranose
#
loop_
_entity_poly.entity_id
_entity_poly.type
_entity_poly.pdbx_seq_one_letter_code
_entity_poly.pdbx_strand_id
1 'polypeptide(L)'
;AYTNSFTRGVYYPDKVFRSSVLHSTQDLFLPFFSNVTWFHAIHVSGTNGTKRFDNPVLPFNDGVYFASTEKSNIIRGWIF
GTTLDSKTQSLLIVNNATNVVIKVCEFQFCNDPFLGVYYHKNNKSWMESEFRVYSSANNCTFEYVSQPFLMDLEGKQGNF
KNLREFVFKNIDGYFKIYSKHTPINLVRDLPQGFSALEPLVDLPIGINITRFQTLLALHRSYLTPGDSSSGWTAGAAAYY
VGYLQPRTFLLKYNENGTITDAVDCALDPLSETKCTLKSFTVE
;
A
2 'polypeptide(L)'
;DVQLVESGGGSVQAGGSLRLSCAASGKFSHLVFLGWFRQAPGKEREGVAAGLGAYESGYYADSVKGRFTVSLDNAENTVY
LQMNSLKPEDTALYYCAALVVLSRDNTEFIAHNYWGQGTQVTVSS
;
B
3 'polypeptide(L)'
;PNITNLCPFGEVFNATRFASVYAWNRKRISNCVADYSVLYNSASFSTFKCYGVSPTKLNDLCFTNVYADSFVIRGDEVRQ
IAPGQTGKIADYNYKLPDDFTGCVIAWNSNNLDSKVGGNYNYLYRLFRKSNLKPFERDISTEIYQAGSTPCNGVEGFNCY
FPLQSYGFQPTNGVGYQPYRVVVLSFELLHAP
;
F
#
loop_
_chem_comp.id
_chem_comp.type
_chem_comp.name
_chem_comp.formula
NAG D-saccharide, beta linking 2-acetamido-2-deoxy-beta-D-glucopyranose 'C8 H15 N O6'
#
# COMPACT_ATOMS: atom_id res chain seq x y z
N ALA A 1 -28.91 21.62 8.74
CA ALA A 1 -29.20 21.46 10.16
C ALA A 1 -27.91 21.25 10.94
N TYR A 2 -27.62 22.17 11.86
CA TYR A 2 -26.39 22.14 12.63
C TYR A 2 -26.71 22.13 14.11
N THR A 3 -26.04 21.25 14.86
CA THR A 3 -26.11 21.22 16.31
C THR A 3 -24.69 21.42 16.85
N ASN A 4 -24.61 22.02 18.03
CA ASN A 4 -23.34 22.45 18.60
C ASN A 4 -22.88 21.45 19.66
N SER A 5 -21.90 20.62 19.30
CA SER A 5 -21.27 19.73 20.27
C SER A 5 -20.45 20.55 21.26
N PHE A 6 -20.81 20.46 22.54
CA PHE A 6 -20.29 21.41 23.51
C PHE A 6 -18.83 21.13 23.86
N THR A 7 -18.55 19.97 24.44
CA THR A 7 -17.17 19.65 24.77
C THR A 7 -16.83 18.18 24.57
N ARG A 8 -17.63 17.45 23.81
CA ARG A 8 -17.48 16.00 23.73
C ARG A 8 -16.46 15.61 22.68
N GLY A 9 -16.12 14.32 22.69
CA GLY A 9 -15.24 13.76 21.68
C GLY A 9 -13.78 13.76 22.06
N VAL A 10 -13.46 13.22 23.23
CA VAL A 10 -12.08 13.11 23.69
C VAL A 10 -11.81 11.67 24.08
N TYR A 11 -10.83 11.05 23.44
CA TYR A 11 -10.46 9.68 23.69
C TYR A 11 -9.10 9.63 24.35
N TYR A 12 -8.73 8.44 24.83
CA TYR A 12 -7.36 8.26 25.30
C TYR A 12 -6.43 8.20 24.10
N PRO A 13 -5.51 9.15 23.93
CA PRO A 13 -4.67 9.13 22.73
C PRO A 13 -3.54 8.12 22.78
N ASP A 14 -3.22 7.58 23.96
CA ASP A 14 -2.10 6.65 24.09
C ASP A 14 -2.54 5.35 24.74
N LYS A 15 -1.59 4.47 25.05
CA LYS A 15 -1.88 3.22 25.74
C LYS A 15 -1.23 3.15 27.12
N VAL A 16 -0.48 4.16 27.52
CA VAL A 16 0.17 4.18 28.83
C VAL A 16 -0.84 4.62 29.88
N PHE A 17 -0.48 4.49 31.14
CA PHE A 17 -1.33 4.88 32.26
C PHE A 17 -0.64 5.97 33.04
N ARG A 18 -1.26 7.15 33.09
CA ARG A 18 -0.75 8.26 33.86
C ARG A 18 -1.67 8.51 35.05
N SER A 19 -1.24 9.41 35.93
CA SER A 19 -1.99 9.64 37.16
C SER A 19 -1.78 11.08 37.62
N SER A 20 -2.88 11.83 37.69
CA SER A 20 -2.96 13.17 38.29
C SER A 20 -2.04 14.20 37.64
N VAL A 21 -1.62 13.97 36.40
CA VAL A 21 -0.73 14.88 35.71
C VAL A 21 -1.48 15.47 34.52
N LEU A 22 -1.14 16.70 34.17
CA LEU A 22 -1.77 17.39 33.04
C LEU A 22 -0.93 17.12 31.80
N HIS A 23 -1.34 16.14 31.01
CA HIS A 23 -0.61 15.77 29.80
C HIS A 23 -1.00 16.68 28.64
N SER A 24 -0.07 16.85 27.72
CA SER A 24 -0.26 17.68 26.54
C SER A 24 0.04 16.85 25.31
N THR A 25 -0.99 16.53 24.53
CA THR A 25 -0.83 15.66 23.37
C THR A 25 -1.29 16.40 22.12
N GLN A 26 -0.85 15.88 20.97
CA GLN A 26 -1.10 16.49 19.66
C GLN A 26 -1.56 15.38 18.73
N ASP A 27 -2.84 15.38 18.36
CA ASP A 27 -3.41 14.32 17.55
C ASP A 27 -4.65 14.86 16.86
N LEU A 28 -5.47 13.96 16.33
CA LEU A 28 -6.73 14.31 15.68
C LEU A 28 -7.84 14.26 16.71
N PHE A 29 -8.37 15.43 17.07
CA PHE A 29 -9.44 15.55 18.06
C PHE A 29 -10.61 16.30 17.48
N LEU A 30 -11.78 16.08 18.05
CA LEU A 30 -12.92 16.88 17.66
C LEU A 30 -12.79 18.26 18.30
N PRO A 31 -12.89 19.33 17.54
CA PRO A 31 -12.75 20.67 18.12
C PRO A 31 -13.95 21.01 18.99
N PHE A 32 -13.68 21.82 20.01
CA PHE A 32 -14.74 22.25 20.90
C PHE A 32 -15.64 23.25 20.19
N PHE A 33 -16.94 23.12 20.42
CA PHE A 33 -17.98 24.00 19.85
C PHE A 33 -17.97 23.95 18.33
N SER A 34 -17.74 22.76 17.78
CA SER A 34 -17.70 22.55 16.33
C SER A 34 -19.08 22.18 15.83
N ASN A 35 -19.39 22.65 14.61
CA ASN A 35 -20.72 22.45 14.04
C ASN A 35 -20.87 21.00 13.59
N VAL A 36 -21.80 20.29 14.22
CA VAL A 36 -22.07 18.89 13.90
C VAL A 36 -23.44 18.80 13.25
N THR A 37 -23.55 17.95 12.23
CA THR A 37 -24.73 17.90 11.39
C THR A 37 -25.79 16.96 11.96
N TRP A 38 -26.99 17.48 12.15
CA TRP A 38 -28.14 16.68 12.53
C TRP A 38 -28.69 15.97 11.30
N PHE A 39 -28.91 14.67 11.42
CA PHE A 39 -29.53 13.87 10.36
C PHE A 39 -30.77 13.20 10.93
N HIS A 40 -31.89 13.91 10.92
CA HIS A 40 -33.12 13.38 11.48
C HIS A 40 -33.83 12.50 10.47
N PHE A 53 -33.22 7.51 2.31
CA PHE A 53 -33.28 8.97 2.36
C PHE A 53 -32.37 9.51 3.45
N ASP A 54 -32.38 8.82 4.59
CA ASP A 54 -31.75 9.36 5.79
C ASP A 54 -30.23 9.27 5.72
N ASN A 55 -29.69 8.41 4.87
CA ASN A 55 -28.27 8.09 4.91
C ASN A 55 -27.58 8.40 3.59
N PRO A 56 -27.17 9.64 3.34
CA PRO A 56 -26.32 9.91 2.19
C PRO A 56 -24.91 9.41 2.46
N VAL A 57 -24.18 9.02 1.41
CA VAL A 57 -22.83 8.55 1.60
C VAL A 57 -21.92 9.74 1.86
N LEU A 58 -21.26 9.74 3.01
CA LEU A 58 -20.50 10.88 3.46
C LEU A 58 -19.01 10.64 3.31
N PRO A 59 -18.19 11.70 3.19
CA PRO A 59 -16.74 11.51 3.12
C PRO A 59 -16.14 11.05 4.44
N PHE A 60 -14.83 10.83 4.45
CA PHE A 60 -14.14 10.42 5.67
C PHE A 60 -13.36 11.56 6.30
N ASN A 61 -12.46 12.18 5.56
CA ASN A 61 -11.67 13.34 5.97
C ASN A 61 -10.88 13.05 7.25
N ASP A 62 -10.10 11.96 7.17
CA ASP A 62 -9.26 11.35 8.20
C ASP A 62 -9.87 11.32 9.61
N GLY A 63 -11.16 11.01 9.72
CA GLY A 63 -11.74 10.81 11.03
C GLY A 63 -13.07 11.50 11.25
N VAL A 64 -14.08 10.75 11.66
CA VAL A 64 -15.41 11.29 11.88
C VAL A 64 -15.93 10.83 13.23
N TYR A 65 -16.67 11.71 13.89
CA TYR A 65 -17.21 11.47 15.22
C TYR A 65 -18.66 11.08 15.06
N PHE A 66 -18.94 9.78 15.09
CA PHE A 66 -20.32 9.31 15.02
C PHE A 66 -20.90 9.28 16.42
N ALA A 67 -22.16 9.69 16.53
CA ALA A 67 -22.78 9.78 17.85
C ALA A 67 -24.29 9.69 17.69
N SER A 68 -24.89 8.60 18.13
CA SER A 68 -26.32 8.42 18.02
C SER A 68 -26.89 7.88 19.33
N THR A 69 -28.15 8.20 19.58
CA THR A 69 -28.81 7.70 20.78
C THR A 69 -29.33 6.29 20.54
N ASN A 73 -33.12 -1.47 19.04
CA ASN A 73 -31.85 -1.06 18.45
C ASN A 73 -32.03 -0.68 16.98
N ILE A 74 -32.06 0.62 16.71
CA ILE A 74 -32.29 1.07 15.34
C ILE A 74 -30.98 1.10 14.54
N ILE A 75 -29.89 1.57 15.13
CA ILE A 75 -28.60 1.61 14.45
C ILE A 75 -28.02 0.20 14.46
N ARG A 76 -27.73 -0.33 13.27
CA ARG A 76 -27.06 -1.61 13.16
C ARG A 76 -25.59 -1.48 12.80
N GLY A 77 -25.20 -0.48 12.02
CA GLY A 77 -23.78 -0.32 11.76
C GLY A 77 -23.45 0.66 10.65
N TRP A 78 -22.26 0.48 10.09
CA TRP A 78 -21.67 1.41 9.14
C TRP A 78 -21.02 0.62 8.01
N ILE A 79 -20.86 1.25 6.85
CA ILE A 79 -20.20 0.64 5.70
C ILE A 79 -19.09 1.55 5.21
N PHE A 80 -17.87 1.03 5.17
CA PHE A 80 -16.69 1.80 4.79
C PHE A 80 -16.11 1.26 3.49
N GLY A 81 -15.70 2.14 2.60
CA GLY A 81 -15.10 1.70 1.36
C GLY A 81 -14.71 2.88 0.50
N THR A 82 -14.55 2.63 -0.80
CA THR A 82 -14.25 3.68 -1.76
C THR A 82 -15.44 4.00 -2.66
N THR A 83 -16.04 2.98 -3.27
CA THR A 83 -17.25 3.17 -4.06
C THR A 83 -18.28 2.07 -3.89
N LEU A 84 -17.99 1.03 -3.09
CA LEU A 84 -18.93 -0.04 -2.71
C LEU A 84 -19.46 -0.80 -3.93
N ASP A 85 -18.57 -1.54 -4.56
CA ASP A 85 -18.95 -2.51 -5.59
C ASP A 85 -18.13 -3.77 -5.36
N SER A 86 -18.12 -4.65 -6.35
CA SER A 86 -17.28 -5.84 -6.29
C SER A 86 -15.84 -5.58 -6.68
N LYS A 87 -15.51 -4.34 -7.09
CA LYS A 87 -14.16 -3.99 -7.48
C LYS A 87 -13.27 -3.81 -6.25
N THR A 88 -13.67 -2.92 -5.36
CA THR A 88 -12.90 -2.58 -4.17
C THR A 88 -13.34 -3.42 -2.98
N GLN A 89 -12.43 -3.56 -2.02
CA GLN A 89 -12.79 -4.16 -0.75
C GLN A 89 -13.57 -3.16 0.09
N SER A 90 -14.66 -3.64 0.69
CA SER A 90 -15.50 -2.81 1.53
C SER A 90 -15.06 -2.95 2.98
N LEU A 91 -15.82 -2.34 3.88
CA LEU A 91 -15.69 -2.57 5.33
C LEU A 91 -17.06 -2.25 5.94
N LEU A 92 -17.87 -3.29 6.16
CA LEU A 92 -19.22 -3.10 6.66
C LEU A 92 -19.26 -3.56 8.12
N ILE A 93 -19.01 -2.62 9.02
CA ILE A 93 -19.04 -2.90 10.45
C ILE A 93 -20.51 -3.00 10.85
N VAL A 94 -20.96 -4.21 11.14
CA VAL A 94 -22.37 -4.47 11.42
C VAL A 94 -22.49 -5.24 12.73
N ASN A 95 -23.44 -4.86 13.58
CA ASN A 95 -23.67 -5.63 14.82
C ASN A 95 -24.82 -6.60 14.59
N ASN A 96 -24.72 -7.42 13.56
CA ASN A 96 -25.83 -8.32 13.22
C ASN A 96 -26.24 -9.41 14.22
N ALA A 97 -25.28 -10.08 14.84
CA ALA A 97 -25.62 -11.21 15.73
C ALA A 97 -25.59 -10.81 17.18
N THR A 98 -25.75 -11.80 18.06
CA THR A 98 -25.64 -11.49 19.48
C THR A 98 -24.25 -10.98 19.82
N ASN A 99 -23.28 -11.26 18.96
CA ASN A 99 -21.95 -10.66 19.00
C ASN A 99 -21.70 -9.88 17.71
N VAL A 100 -20.80 -8.91 17.78
CA VAL A 100 -20.55 -8.08 16.59
C VAL A 100 -19.58 -8.81 15.67
N VAL A 101 -19.74 -8.60 14.36
CA VAL A 101 -18.78 -9.08 13.37
C VAL A 101 -18.29 -7.89 12.56
N ILE A 102 -17.17 -8.09 11.89
CA ILE A 102 -16.58 -7.11 10.98
C ILE A 102 -16.12 -7.83 9.73
N LYS A 103 -16.62 -7.38 8.58
CA LYS A 103 -16.24 -7.97 7.32
C LYS A 103 -15.61 -6.91 6.44
N VAL A 104 -14.54 -7.29 5.75
CA VAL A 104 -13.77 -6.37 4.92
C VAL A 104 -13.81 -6.91 3.49
N CYS A 105 -14.47 -8.05 3.31
CA CYS A 105 -14.50 -8.74 2.02
C CYS A 105 -15.41 -8.01 1.03
N GLU A 106 -15.55 -8.60 -0.15
CA GLU A 106 -16.39 -8.05 -1.20
C GLU A 106 -17.31 -9.10 -1.78
N ASN A 139 -14.29 -13.05 -2.20
CA ASN A 139 -12.90 -12.65 -2.00
C ASN A 139 -12.68 -12.14 -0.59
N CYS A 140 -12.31 -13.02 0.32
CA CYS A 140 -12.13 -12.62 1.72
C CYS A 140 -10.68 -12.49 2.15
N THR A 141 -10.34 -11.34 2.74
CA THR A 141 -8.99 -11.11 3.26
C THR A 141 -8.91 -11.16 4.77
N PHE A 142 -10.01 -10.81 5.47
CA PHE A 142 -10.01 -10.72 6.92
C PHE A 142 -11.44 -10.76 7.45
N GLU A 143 -11.60 -11.32 8.64
CA GLU A 143 -12.84 -11.20 9.39
C GLU A 143 -12.50 -11.12 10.88
N TYR A 144 -13.47 -10.70 11.69
CA TYR A 144 -13.23 -10.51 13.11
C TYR A 144 -14.54 -10.56 13.87
N VAL A 145 -14.57 -11.33 14.96
CA VAL A 145 -15.73 -11.42 15.85
C VAL A 145 -15.28 -11.05 17.26
N SER A 146 -16.08 -10.25 17.95
CA SER A 146 -15.80 -9.87 19.33
C SER A 146 -17.12 -9.64 20.05
N GLN A 147 -17.04 -9.13 21.28
CA GLN A 147 -18.21 -8.76 22.07
C GLN A 147 -18.93 -7.59 21.42
N PRO A 148 -20.27 -7.59 21.45
CA PRO A 148 -21.04 -6.62 20.64
C PRO A 148 -20.91 -5.19 21.15
N PHE A 149 -21.11 -4.25 20.22
CA PHE A 149 -21.03 -2.83 20.55
C PHE A 149 -22.40 -2.21 20.80
N LEU A 150 -23.47 -2.89 20.40
CA LEU A 150 -24.86 -2.41 20.45
C LEU A 150 -25.04 -1.07 19.74
N LYS A 161 -32.54 6.32 28.33
CA LYS A 161 -31.86 6.03 27.08
C LYS A 161 -30.35 6.14 27.22
N ASN A 162 -29.62 5.71 26.21
CA ASN A 162 -28.16 5.75 26.22
C ASN A 162 -27.67 6.88 25.32
N LEU A 163 -26.36 6.93 25.13
CA LEU A 163 -25.74 7.83 24.14
C LEU A 163 -24.53 7.08 23.59
N ARG A 164 -24.73 6.38 22.48
CA ARG A 164 -23.64 5.65 21.85
C ARG A 164 -22.76 6.64 21.10
N GLU A 165 -21.47 6.66 21.44
CA GLU A 165 -20.50 7.50 20.76
C GLU A 165 -19.39 6.64 20.18
N PHE A 166 -18.86 7.07 19.04
CA PHE A 166 -17.74 6.39 18.41
C PHE A 166 -16.88 7.45 17.73
N VAL A 167 -15.57 7.27 17.79
CA VAL A 167 -14.63 8.12 17.06
C VAL A 167 -13.82 7.21 16.17
N PHE A 168 -14.11 7.24 14.87
CA PHE A 168 -13.38 6.44 13.90
C PHE A 168 -12.16 7.20 13.43
N LYS A 169 -11.04 6.49 13.31
CA LYS A 169 -9.86 7.06 12.66
C LYS A 169 -9.07 5.93 12.01
N ASN A 170 -8.44 6.27 10.89
CA ASN A 170 -7.68 5.31 10.10
C ASN A 170 -6.42 5.99 9.61
N ILE A 171 -5.28 5.69 10.21
CA ILE A 171 -4.01 6.29 9.81
C ILE A 171 -2.94 5.19 9.73
N ASP A 172 -2.26 5.13 8.59
CA ASP A 172 -1.06 4.31 8.35
C ASP A 172 -1.34 2.82 8.57
N GLY A 173 -2.24 2.28 7.75
CA GLY A 173 -2.55 0.86 7.78
C GLY A 173 -3.35 0.37 8.95
N TYR A 174 -3.58 1.20 9.97
CA TYR A 174 -4.29 0.81 11.18
C TYR A 174 -5.68 1.42 11.18
N PHE A 175 -6.66 0.65 11.64
CA PHE A 175 -8.03 1.13 11.80
C PHE A 175 -8.34 1.14 13.29
N LYS A 176 -8.44 2.34 13.86
CA LYS A 176 -8.73 2.51 15.28
C LYS A 176 -10.19 2.92 15.46
N ILE A 177 -10.77 2.47 16.57
CA ILE A 177 -12.18 2.72 16.86
C ILE A 177 -12.37 2.83 18.37
N TYR A 178 -12.93 3.95 18.82
CA TYR A 178 -13.18 4.19 20.22
C TYR A 178 -14.67 4.03 20.51
N SER A 179 -15.06 4.16 21.78
CA SER A 179 -16.44 3.94 22.18
C SER A 179 -16.70 4.59 23.52
N LYS A 180 -17.97 4.70 23.87
CA LYS A 180 -18.48 5.15 25.17
C LYS A 180 -19.97 4.83 25.19
N HIS A 181 -20.53 4.72 26.41
CA HIS A 181 -21.93 4.36 26.57
C HIS A 181 -22.62 5.14 27.69
N THR A 182 -22.43 6.46 27.75
CA THR A 182 -23.03 7.23 28.83
C THR A 182 -24.55 7.32 28.67
N PRO A 183 -25.30 7.25 29.78
CA PRO A 183 -26.75 7.37 29.68
C PRO A 183 -27.26 8.80 29.73
N ILE A 184 -28.39 9.06 29.08
CA ILE A 184 -29.02 10.38 29.06
C ILE A 184 -30.53 10.16 28.92
N ASN A 185 -31.33 10.97 29.61
CA ASN A 185 -32.77 10.83 29.55
C ASN A 185 -33.32 11.95 28.68
N LEU A 186 -33.22 13.19 29.13
CA LEU A 186 -33.78 14.32 28.38
C LEU A 186 -32.90 14.69 27.21
N VAL A 187 -33.49 15.24 26.15
CA VAL A 187 -32.74 15.56 24.93
C VAL A 187 -32.04 16.88 24.80
N ARG A 188 -30.97 17.07 25.55
CA ARG A 188 -30.15 18.21 25.29
C ARG A 188 -29.58 17.38 24.17
N ASP A 189 -29.49 17.87 22.96
CA ASP A 189 -29.11 16.99 21.87
C ASP A 189 -27.79 16.29 22.05
N LEU A 190 -26.71 16.97 22.41
CA LEU A 190 -25.47 16.27 22.67
C LEU A 190 -25.21 16.85 24.01
N PRO A 191 -25.11 16.01 25.05
CA PRO A 191 -25.01 16.63 26.37
C PRO A 191 -23.74 17.39 26.73
N GLN A 192 -23.72 18.16 27.82
CA GLN A 192 -22.56 19.00 28.16
C GLN A 192 -21.47 18.32 28.93
N GLY A 193 -21.75 17.15 29.46
CA GLY A 193 -20.80 16.46 30.29
C GLY A 193 -19.60 15.84 29.66
N PHE A 194 -18.49 15.90 30.34
CA PHE A 194 -17.27 15.36 29.82
C PHE A 194 -17.06 13.94 30.22
N SER A 195 -16.92 13.07 29.26
CA SER A 195 -16.56 11.68 29.45
C SER A 195 -15.58 11.25 28.38
N ALA A 196 -14.63 10.39 28.74
CA ALA A 196 -13.58 9.96 27.82
C ALA A 196 -14.11 8.88 26.88
N LEU A 197 -13.20 8.31 26.10
CA LEU A 197 -13.51 7.17 25.25
C LEU A 197 -12.39 6.14 25.32
N GLU A 198 -12.77 4.88 25.42
CA GLU A 198 -11.75 3.83 25.45
C GLU A 198 -11.71 3.09 24.12
N PRO A 199 -10.53 2.72 23.64
CA PRO A 199 -10.45 2.01 22.37
C PRO A 199 -10.92 0.58 22.47
N LEU A 200 -11.58 0.11 21.41
CA LEU A 200 -12.02 -1.28 21.34
C LEU A 200 -10.98 -2.19 20.73
N VAL A 201 -10.64 -1.96 19.46
CA VAL A 201 -9.69 -2.82 18.75
C VAL A 201 -8.77 -1.98 17.88
N ASP A 202 -7.56 -2.48 17.73
CA ASP A 202 -6.60 -1.97 16.76
C ASP A 202 -6.62 -2.91 15.56
N LEU A 203 -7.07 -2.41 14.41
CA LEU A 203 -7.25 -3.23 13.23
C LEU A 203 -6.22 -2.89 12.17
N PRO A 204 -5.20 -3.72 11.97
CA PRO A 204 -4.20 -3.48 10.91
C PRO A 204 -4.60 -4.11 9.59
N ILE A 205 -5.56 -3.48 8.91
CA ILE A 205 -6.02 -3.91 7.59
C ILE A 205 -5.60 -2.95 6.51
N GLY A 206 -5.91 -1.66 6.69
CA GLY A 206 -5.31 -0.64 5.85
C GLY A 206 -5.88 -0.49 4.47
N ILE A 207 -7.15 -0.84 4.26
CA ILE A 207 -7.82 -0.48 3.03
C ILE A 207 -7.99 1.03 2.99
N ASN A 208 -7.71 1.62 1.83
CA ASN A 208 -7.84 3.06 1.64
C ASN A 208 -9.33 3.42 1.69
N ILE A 209 -9.77 4.02 2.79
CA ILE A 209 -11.17 4.35 3.01
C ILE A 209 -11.35 5.85 2.90
N THR A 210 -12.28 6.28 2.05
CA THR A 210 -12.62 7.71 1.98
C THR A 210 -14.12 7.94 1.87
N ARG A 211 -14.93 6.90 2.03
CA ARG A 211 -16.39 7.05 2.03
C ARG A 211 -16.96 6.18 3.14
N PHE A 212 -18.01 6.67 3.81
CA PHE A 212 -18.67 5.86 4.81
C PHE A 212 -20.17 6.13 4.79
N GLN A 213 -20.93 5.06 5.02
CA GLN A 213 -22.39 5.08 4.93
C GLN A 213 -22.95 4.15 6.00
N THR A 214 -23.98 4.60 6.71
CA THR A 214 -24.45 3.91 7.90
C THR A 214 -25.52 2.88 7.55
N LEU A 215 -25.36 1.67 8.05
CA LEU A 215 -26.43 0.68 7.99
C LEU A 215 -27.57 1.09 8.91
N LEU A 216 -28.77 0.66 8.56
CA LEU A 216 -29.97 0.98 9.32
C LEU A 216 -30.97 -0.14 9.15
N ALA A 217 -32.20 0.10 9.62
CA ALA A 217 -33.26 -0.89 9.55
C ALA A 217 -34.63 -0.23 9.50
N GLY A 235 -41.93 8.28 12.36
CA GLY A 235 -40.83 8.31 13.32
C GLY A 235 -39.46 8.26 12.66
N ALA A 236 -38.65 9.28 12.92
CA ALA A 236 -37.31 9.36 12.36
C ALA A 236 -36.27 9.23 13.47
N ALA A 237 -35.16 8.58 13.15
CA ALA A 237 -34.07 8.37 14.08
C ALA A 237 -32.97 9.40 13.84
N ALA A 238 -32.11 9.57 14.86
CA ALA A 238 -31.10 10.60 14.85
C ALA A 238 -29.71 10.00 14.94
N TYR A 239 -28.77 10.66 14.27
CA TYR A 239 -27.35 10.34 14.36
C TYR A 239 -26.56 11.55 13.88
N TYR A 240 -25.48 11.86 14.57
CA TYR A 240 -24.68 13.03 14.26
C TYR A 240 -23.29 12.60 13.80
N VAL A 241 -22.70 13.38 12.89
CA VAL A 241 -21.35 13.13 12.40
C VAL A 241 -20.60 14.46 12.36
N GLY A 242 -19.52 14.56 13.12
CA GLY A 242 -18.68 15.73 13.10
C GLY A 242 -17.27 15.36 12.69
N TYR A 243 -16.60 16.27 12.00
CA TYR A 243 -15.34 15.96 11.34
C TYR A 243 -14.15 16.32 12.22
N LEU A 244 -13.13 15.46 12.19
CA LEU A 244 -11.93 15.67 12.99
C LEU A 244 -10.95 16.60 12.27
N GLN A 245 -10.01 17.11 13.04
CA GLN A 245 -9.04 18.08 12.57
C GLN A 245 -7.76 17.90 13.38
N PRO A 246 -6.60 18.29 12.84
CA PRO A 246 -5.37 18.18 13.65
C PRO A 246 -5.15 19.35 14.61
N ARG A 247 -5.78 19.26 15.78
CA ARG A 247 -5.61 20.26 16.83
C ARG A 247 -5.19 19.57 18.12
N THR A 248 -4.49 20.32 18.97
CA THR A 248 -3.91 19.76 20.18
C THR A 248 -4.74 20.13 21.42
N PHE A 249 -4.81 19.20 22.36
CA PHE A 249 -5.60 19.35 23.57
C PHE A 249 -4.67 19.32 24.79
N LEU A 250 -5.29 19.33 25.97
CA LEU A 250 -4.56 19.28 27.22
C LEU A 250 -5.44 18.52 28.21
N LEU A 251 -5.21 17.22 28.32
CA LEU A 251 -6.07 16.37 29.11
C LEU A 251 -5.71 16.49 30.59
N LYS A 252 -6.72 16.45 31.45
CA LYS A 252 -6.51 16.39 32.89
C LYS A 252 -6.80 14.97 33.34
N TYR A 253 -5.75 14.22 33.64
CA TYR A 253 -5.91 12.88 34.19
C TYR A 253 -6.21 12.97 35.68
N ASN A 254 -7.00 12.02 36.16
CA ASN A 254 -7.46 12.04 37.54
C ASN A 254 -6.54 11.20 38.41
N GLU A 255 -6.96 10.97 39.65
CA GLU A 255 -6.17 10.14 40.56
C GLU A 255 -6.20 8.71 40.09
N ASN A 256 -7.40 8.17 39.86
CA ASN A 256 -7.52 6.79 39.45
C ASN A 256 -6.88 6.49 38.10
N GLY A 257 -7.03 7.39 37.15
CA GLY A 257 -6.42 7.21 35.85
C GLY A 257 -7.35 7.61 34.73
N THR A 258 -8.54 8.10 35.09
CA THR A 258 -9.50 8.52 34.09
C THR A 258 -9.28 9.97 33.70
N ILE A 259 -9.90 10.36 32.58
CA ILE A 259 -9.88 11.73 32.10
C ILE A 259 -11.17 12.41 32.55
N THR A 260 -11.04 13.58 33.18
CA THR A 260 -12.21 14.28 33.66
C THR A 260 -12.38 15.69 33.10
N ASP A 261 -11.36 16.27 32.46
CA ASP A 261 -11.51 17.59 31.84
C ASP A 261 -10.41 17.78 30.81
N ALA A 262 -10.67 18.67 29.85
CA ALA A 262 -9.70 18.97 28.81
C ALA A 262 -9.97 20.37 28.26
N VAL A 263 -8.90 21.11 28.03
CA VAL A 263 -9.00 22.43 27.42
C VAL A 263 -8.36 22.38 26.05
N ASP A 264 -8.86 23.22 25.15
CA ASP A 264 -8.39 23.26 23.78
C ASP A 264 -7.31 24.33 23.64
N CYS A 265 -6.27 24.01 22.89
CA CYS A 265 -5.15 24.92 22.68
C CYS A 265 -5.30 25.74 21.41
N ALA A 266 -6.49 25.78 20.81
CA ALA A 266 -6.68 26.58 19.61
C ALA A 266 -8.04 27.25 19.52
N LEU A 267 -8.81 27.30 20.60
CA LEU A 267 -10.17 27.80 20.51
C LEU A 267 -10.30 29.28 20.88
N ASP A 268 -9.92 29.63 22.10
CA ASP A 268 -10.23 30.94 22.64
C ASP A 268 -8.91 31.57 23.09
N PRO A 269 -8.72 32.88 22.93
CA PRO A 269 -7.50 33.51 23.46
C PRO A 269 -7.38 33.48 24.97
N LEU A 270 -8.42 33.13 25.70
CA LEU A 270 -8.25 32.67 27.08
C LEU A 270 -7.65 31.27 27.09
N SER A 271 -8.21 30.37 26.29
CA SER A 271 -7.85 28.96 26.35
C SER A 271 -6.53 28.64 25.68
N GLU A 272 -5.89 29.60 25.02
CA GLU A 272 -4.51 29.40 24.64
C GLU A 272 -3.59 29.53 25.85
N THR A 273 -3.93 30.45 26.75
CA THR A 273 -3.08 30.72 27.91
C THR A 273 -3.12 29.59 28.93
N LYS A 274 -4.12 28.72 28.88
CA LYS A 274 -4.09 27.54 29.72
C LYS A 274 -3.22 26.44 29.17
N CYS A 275 -2.80 26.54 27.90
CA CYS A 275 -1.91 25.54 27.32
C CYS A 275 -0.45 25.95 27.35
N THR A 276 -0.15 27.22 27.58
CA THR A 276 1.22 27.69 27.73
C THR A 276 1.55 28.08 29.16
N LEU A 277 0.64 27.84 30.10
CA LEU A 277 0.93 27.99 31.52
C LEU A 277 0.76 26.68 32.27
N LYS A 278 0.29 25.62 31.58
CA LYS A 278 0.28 24.24 32.06
C LYS A 278 -0.57 24.07 33.32
N SER A 279 -1.73 24.71 33.34
CA SER A 279 -2.67 24.56 34.44
C SER A 279 -4.08 24.74 33.91
N PHE A 280 -5.05 24.71 34.83
CA PHE A 280 -6.42 25.03 34.50
C PHE A 280 -6.85 26.36 35.12
N THR A 281 -5.93 27.06 35.77
CA THR A 281 -6.22 28.32 36.42
C THR A 281 -5.22 29.37 35.96
N VAL A 282 -5.72 30.55 35.62
CA VAL A 282 -4.89 31.67 35.22
C VAL A 282 -5.10 32.80 36.21
N GLU A 283 -4.23 33.81 36.13
CA GLU A 283 -4.37 34.98 36.97
C GLU A 283 -4.07 36.26 36.19
N VAL B 2 2.18 -20.18 -11.38
CA VAL B 2 1.66 -19.29 -12.40
C VAL B 2 2.52 -19.35 -13.65
N GLN B 3 1.89 -19.72 -14.77
CA GLN B 3 2.55 -19.82 -16.06
C GLN B 3 2.03 -18.72 -16.98
N LEU B 4 2.50 -18.74 -18.22
CA LEU B 4 1.98 -17.88 -19.26
C LEU B 4 1.91 -18.68 -20.55
N VAL B 5 0.93 -18.34 -21.38
CA VAL B 5 0.62 -19.08 -22.60
C VAL B 5 0.49 -18.08 -23.74
N GLU B 6 1.21 -18.32 -24.83
CA GLU B 6 1.05 -17.51 -26.03
C GLU B 6 0.40 -18.32 -27.14
N SER B 7 0.01 -17.62 -28.20
CA SER B 7 -0.60 -18.21 -29.38
C SER B 7 -0.36 -17.26 -30.55
N GLY B 8 -1.04 -17.52 -31.66
CA GLY B 8 -0.94 -16.65 -32.82
C GLY B 8 0.38 -16.73 -33.56
N GLY B 9 0.99 -17.91 -33.60
CA GLY B 9 2.29 -18.07 -34.23
C GLY B 9 2.27 -18.90 -35.51
N GLY B 10 3.34 -18.81 -36.28
CA GLY B 10 3.47 -19.57 -37.50
C GLY B 10 4.27 -18.79 -38.52
N SER B 11 4.26 -19.30 -39.76
CA SER B 11 4.91 -18.66 -40.90
C SER B 11 3.84 -18.20 -41.86
N VAL B 12 3.77 -16.88 -42.09
CA VAL B 12 2.70 -16.26 -42.87
C VAL B 12 3.34 -15.22 -43.78
N GLN B 13 2.79 -15.09 -44.99
CA GLN B 13 3.30 -14.17 -45.99
C GLN B 13 3.17 -12.72 -45.53
N ALA B 14 3.99 -11.85 -46.12
CA ALA B 14 3.98 -10.44 -45.77
C ALA B 14 2.72 -9.77 -46.31
N GLY B 15 2.29 -8.72 -45.60
CA GLY B 15 1.05 -8.05 -45.97
C GLY B 15 -0.21 -8.79 -45.57
N GLY B 16 -0.10 -9.86 -44.79
CA GLY B 16 -1.26 -10.57 -44.30
C GLY B 16 -1.67 -10.07 -42.92
N SER B 17 -2.12 -10.99 -42.06
CA SER B 17 -2.52 -10.60 -40.71
C SER B 17 -2.43 -11.80 -39.79
N LEU B 18 -2.18 -11.51 -38.51
CA LEU B 18 -2.22 -12.47 -37.42
C LEU B 18 -2.92 -11.81 -36.24
N ARG B 19 -2.94 -12.52 -35.11
CA ARG B 19 -3.35 -11.92 -33.85
C ARG B 19 -2.59 -12.61 -32.73
N LEU B 20 -1.89 -11.81 -31.93
CA LEU B 20 -1.06 -12.33 -30.84
C LEU B 20 -1.83 -12.25 -29.53
N SER B 21 -1.84 -13.36 -28.80
CA SER B 21 -2.61 -13.47 -27.57
C SER B 21 -1.74 -14.08 -26.49
N CYS B 22 -1.65 -13.42 -25.34
CA CYS B 22 -0.90 -13.93 -24.19
C CYS B 22 -1.90 -14.33 -23.12
N ALA B 23 -1.93 -15.62 -22.80
CA ALA B 23 -2.91 -16.19 -21.89
C ALA B 23 -2.26 -16.52 -20.55
N ALA B 24 -2.93 -16.13 -19.47
CA ALA B 24 -2.44 -16.33 -18.11
C ALA B 24 -3.26 -17.40 -17.40
N SER B 25 -2.76 -17.84 -16.26
CA SER B 25 -3.41 -18.87 -15.45
C SER B 25 -2.89 -18.75 -14.02
N GLY B 26 -3.37 -19.62 -13.14
CA GLY B 26 -2.89 -19.65 -11.78
C GLY B 26 -3.67 -18.75 -10.84
N LYS B 27 -3.04 -18.43 -9.71
CA LYS B 27 -3.65 -17.63 -8.68
C LYS B 27 -3.03 -16.24 -8.67
N PHE B 28 -3.89 -15.21 -8.68
CA PHE B 28 -3.41 -13.84 -8.74
C PHE B 28 -4.50 -12.93 -8.17
N SER B 29 -4.23 -11.62 -8.17
CA SER B 29 -5.23 -10.64 -7.76
C SER B 29 -5.43 -9.49 -8.73
N HIS B 30 -4.40 -8.98 -9.39
CA HIS B 30 -4.59 -7.90 -10.35
C HIS B 30 -4.08 -8.24 -11.74
N LEU B 31 -2.89 -8.85 -11.83
CA LEU B 31 -2.17 -9.13 -13.08
C LEU B 31 -2.00 -7.87 -13.94
N VAL B 32 -1.31 -6.88 -13.37
CA VAL B 32 -1.03 -5.66 -14.11
C VAL B 32 0.01 -5.95 -15.18
N PHE B 33 -0.33 -5.64 -16.43
CA PHE B 33 0.52 -5.96 -17.57
C PHE B 33 1.65 -4.95 -17.70
N LEU B 34 2.83 -5.45 -18.04
CA LEU B 34 3.88 -4.56 -18.54
C LEU B 34 3.70 -4.31 -20.04
N GLY B 35 3.45 -5.38 -20.78
CA GLY B 35 3.11 -5.25 -22.18
C GLY B 35 3.74 -6.35 -23.00
N TRP B 36 3.81 -6.10 -24.30
CA TRP B 36 4.48 -6.96 -25.25
C TRP B 36 5.90 -6.46 -25.45
N PHE B 37 6.84 -7.37 -25.62
CA PHE B 37 8.25 -7.03 -25.83
C PHE B 37 8.74 -7.69 -27.11
N ARG B 38 9.37 -6.90 -27.97
CA ARG B 38 9.88 -7.39 -29.24
C ARG B 38 11.40 -7.49 -29.19
N GLN B 39 11.91 -8.70 -29.45
CA GLN B 39 13.34 -8.94 -29.50
C GLN B 39 13.71 -9.46 -30.88
N ALA B 40 14.42 -8.64 -31.66
CA ALA B 40 15.01 -9.04 -32.92
C ALA B 40 16.08 -10.11 -32.68
N PRO B 41 16.31 -11.01 -33.64
CA PRO B 41 17.25 -12.12 -33.42
C PRO B 41 18.69 -11.65 -33.25
N GLY B 42 19.29 -12.04 -32.13
CA GLY B 42 20.62 -11.57 -31.80
C GLY B 42 20.67 -10.12 -31.36
N LYS B 43 19.54 -9.57 -30.90
CA LYS B 43 19.46 -8.19 -30.45
C LYS B 43 18.82 -8.15 -29.07
N GLU B 44 18.67 -6.92 -28.56
CA GLU B 44 18.01 -6.70 -27.28
C GLU B 44 16.51 -6.52 -27.48
N ARG B 45 15.74 -6.94 -26.47
CA ARG B 45 14.30 -6.73 -26.53
C ARG B 45 13.95 -5.27 -26.26
N GLU B 46 12.99 -4.75 -27.01
CA GLU B 46 12.58 -3.37 -26.92
C GLU B 46 11.09 -3.31 -26.58
N GLY B 47 10.70 -2.25 -25.86
CA GLY B 47 9.35 -2.12 -25.36
C GLY B 47 8.37 -1.70 -26.42
N VAL B 48 7.97 -2.67 -27.26
CA VAL B 48 7.12 -2.39 -28.41
C VAL B 48 5.70 -1.99 -27.97
N ALA B 49 5.23 -2.52 -26.84
CA ALA B 49 3.88 -2.26 -26.37
C ALA B 49 3.90 -2.08 -24.86
N ALA B 50 3.33 -0.97 -24.39
CA ALA B 50 3.30 -0.70 -22.96
C ALA B 50 2.10 0.17 -22.64
N GLY B 51 1.96 0.52 -21.37
CA GLY B 51 0.85 1.34 -20.91
C GLY B 51 -0.43 0.56 -20.80
N LEU B 52 -0.47 -0.42 -19.89
CA LEU B 52 -1.65 -1.26 -19.70
C LEU B 52 -2.04 -1.37 -18.23
N GLY B 53 -1.67 -0.38 -17.44
CA GLY B 53 -1.92 -0.41 -16.01
C GLY B 53 -3.35 -0.05 -15.64
N ALA B 54 -3.49 0.59 -14.49
CA ALA B 54 -4.81 1.03 -14.03
C ALA B 54 -5.26 2.27 -14.79
N TYR B 55 -4.45 3.32 -14.77
CA TYR B 55 -4.62 4.47 -15.64
C TYR B 55 -3.46 4.48 -16.62
N GLU B 56 -3.78 4.51 -17.91
CA GLU B 56 -2.78 4.14 -18.91
C GLU B 56 -3.00 4.94 -20.18
N SER B 57 -2.10 4.72 -21.14
CA SER B 57 -2.19 5.26 -22.48
C SER B 57 -1.41 4.33 -23.41
N GLY B 58 -1.78 4.33 -24.68
CA GLY B 58 -1.15 3.46 -25.65
C GLY B 58 0.30 3.81 -25.94
N TYR B 59 1.21 2.89 -25.63
CA TYR B 59 2.62 3.05 -25.90
C TYR B 59 3.01 2.10 -27.03
N TYR B 60 3.31 2.65 -28.20
CA TYR B 60 3.83 1.88 -29.32
C TYR B 60 5.11 2.53 -29.81
N ALA B 61 6.09 1.69 -30.16
CA ALA B 61 7.34 2.19 -30.70
C ALA B 61 7.14 2.79 -32.08
N ASP B 62 8.13 3.56 -32.52
CA ASP B 62 8.01 4.27 -33.78
C ASP B 62 8.08 3.33 -34.98
N SER B 63 8.70 2.16 -34.82
CA SER B 63 8.86 1.26 -35.95
C SER B 63 7.55 0.57 -36.33
N VAL B 64 6.60 0.49 -35.41
CA VAL B 64 5.29 -0.07 -35.69
C VAL B 64 4.16 0.90 -35.33
N LYS B 65 4.47 2.20 -35.29
CA LYS B 65 3.49 3.19 -34.86
C LYS B 65 2.37 3.36 -35.89
N GLY B 66 1.13 3.24 -35.43
CA GLY B 66 0.00 3.30 -36.33
C GLY B 66 -0.27 2.02 -37.08
N ARG B 67 0.32 0.92 -36.66
CA ARG B 67 0.13 -0.35 -37.35
C ARG B 67 -0.32 -1.48 -36.45
N PHE B 68 0.16 -1.54 -35.22
CA PHE B 68 -0.21 -2.60 -34.28
C PHE B 68 -0.96 -2.01 -33.11
N THR B 69 -1.89 -2.79 -32.55
CA THR B 69 -2.74 -2.33 -31.47
C THR B 69 -2.88 -3.42 -30.41
N VAL B 70 -2.95 -2.98 -29.16
CA VAL B 70 -3.15 -3.86 -28.02
C VAL B 70 -4.54 -3.63 -27.46
N SER B 71 -5.02 -4.59 -26.67
CA SER B 71 -6.33 -4.49 -26.04
C SER B 71 -6.31 -5.18 -24.69
N LEU B 72 -6.93 -4.55 -23.70
CA LEU B 72 -6.99 -5.06 -22.34
C LEU B 72 -8.20 -5.98 -22.21
N ASP B 73 -7.94 -7.27 -22.02
CA ASP B 73 -8.98 -8.29 -21.90
C ASP B 73 -8.95 -8.84 -20.47
N ASN B 74 -9.86 -8.35 -19.63
CA ASN B 74 -9.92 -8.75 -18.23
C ASN B 74 -10.73 -10.00 -17.98
N ALA B 75 -11.13 -10.73 -19.03
CA ALA B 75 -11.94 -11.93 -18.84
C ALA B 75 -11.09 -13.07 -18.26
N GLU B 76 -9.91 -13.29 -18.83
CA GLU B 76 -8.96 -14.26 -18.32
C GLU B 76 -7.71 -13.52 -17.83
N ASN B 77 -7.80 -12.18 -17.80
CA ASN B 77 -6.67 -11.26 -17.63
C ASN B 77 -5.61 -11.53 -18.71
N THR B 78 -6.01 -11.27 -19.95
CA THR B 78 -5.23 -11.56 -21.14
C THR B 78 -5.01 -10.27 -21.93
N VAL B 79 -4.36 -10.42 -23.08
CA VAL B 79 -4.08 -9.30 -23.98
C VAL B 79 -4.14 -9.81 -25.41
N TYR B 80 -4.59 -8.94 -26.32
CA TYR B 80 -4.63 -9.23 -27.75
C TYR B 80 -3.82 -8.18 -28.49
N LEU B 81 -2.82 -8.64 -29.24
CA LEU B 81 -2.02 -7.77 -30.10
C LEU B 81 -2.40 -8.04 -31.55
N GLN B 82 -2.90 -7.00 -32.22
CA GLN B 82 -3.38 -7.13 -33.59
C GLN B 82 -2.24 -6.92 -34.57
N MET B 83 -2.25 -7.70 -35.65
CA MET B 83 -1.21 -7.65 -36.67
C MET B 83 -1.81 -7.09 -37.95
N ASN B 84 -1.29 -5.95 -38.41
CA ASN B 84 -1.70 -5.35 -39.66
C ASN B 84 -0.48 -5.15 -40.55
N SER B 85 -0.59 -5.57 -41.81
CA SER B 85 0.36 -5.28 -42.89
C SER B 85 1.76 -5.77 -42.55
N LEU B 86 1.89 -7.09 -42.52
CA LEU B 86 3.12 -7.75 -42.07
C LEU B 86 4.31 -7.40 -42.94
N LYS B 87 5.45 -7.22 -42.29
CA LYS B 87 6.68 -6.71 -42.87
C LYS B 87 7.84 -7.46 -42.21
N PRO B 88 8.84 -7.89 -42.98
CA PRO B 88 9.93 -8.69 -42.41
C PRO B 88 10.83 -7.96 -41.43
N GLU B 89 10.71 -6.64 -41.29
CA GLU B 89 11.40 -5.93 -40.21
C GLU B 89 10.83 -6.32 -38.86
N ASP B 90 9.57 -6.71 -38.80
CA ASP B 90 8.91 -7.09 -37.56
C ASP B 90 9.10 -8.57 -37.23
N THR B 91 10.02 -9.26 -37.91
CA THR B 91 10.30 -10.65 -37.61
C THR B 91 11.02 -10.75 -36.28
N ALA B 92 10.36 -11.34 -35.28
CA ALA B 92 10.92 -11.39 -33.93
C ALA B 92 10.27 -12.52 -33.15
N LEU B 93 10.98 -12.97 -32.11
CA LEU B 93 10.43 -13.88 -31.11
C LEU B 93 9.84 -13.02 -30.01
N TYR B 94 8.52 -12.89 -29.98
CA TYR B 94 7.87 -11.92 -29.11
C TYR B 94 7.62 -12.51 -27.73
N TYR B 95 7.60 -11.63 -26.73
CA TYR B 95 7.37 -11.99 -25.34
C TYR B 95 6.30 -11.10 -24.75
N CYS B 96 5.50 -11.66 -23.85
CA CYS B 96 4.56 -10.89 -23.05
C CYS B 96 5.04 -10.88 -21.60
N ALA B 97 4.89 -9.74 -20.94
CA ALA B 97 5.48 -9.51 -19.62
C ALA B 97 4.39 -9.23 -18.61
N ALA B 98 4.18 -10.16 -17.70
CA ALA B 98 3.09 -10.12 -16.75
C ALA B 98 3.64 -9.98 -15.34
N LEU B 99 3.19 -8.96 -14.63
CA LEU B 99 3.53 -8.74 -13.23
C LEU B 99 2.43 -9.38 -12.39
N VAL B 100 2.66 -10.60 -11.94
CA VAL B 100 1.67 -11.25 -11.10
C VAL B 100 1.71 -10.62 -9.71
N VAL B 101 0.60 -10.77 -8.99
CA VAL B 101 0.52 -10.26 -7.62
C VAL B 101 -0.42 -11.12 -6.79
N LEU B 102 0.08 -11.65 -5.67
CA LEU B 102 -0.69 -12.52 -4.79
C LEU B 102 -1.05 -11.82 -3.49
N SER B 103 -1.17 -10.49 -3.54
CA SER B 103 -1.28 -9.66 -2.35
C SER B 103 -2.73 -9.24 -2.16
N ARG B 104 -3.47 -10.00 -1.35
CA ARG B 104 -4.84 -9.61 -1.06
C ARG B 104 -4.90 -8.48 -0.05
N ASP B 105 -3.85 -8.32 0.75
CA ASP B 105 -3.81 -7.22 1.69
C ASP B 105 -3.28 -5.95 1.03
N ASN B 106 -3.34 -4.85 1.77
CA ASN B 106 -2.79 -3.59 1.28
C ASN B 106 -1.29 -3.50 1.53
N THR B 107 -0.79 -4.16 2.58
CA THR B 107 0.61 -3.99 2.99
C THR B 107 1.52 -5.05 2.36
N GLU B 108 1.27 -6.33 2.62
CA GLU B 108 2.20 -7.38 2.24
C GLU B 108 2.12 -7.66 0.74
N PHE B 109 2.87 -6.88 -0.03
CA PHE B 109 2.80 -6.87 -1.49
C PHE B 109 3.68 -8.00 -2.07
N ILE B 110 3.20 -9.23 -1.89
CA ILE B 110 3.89 -10.38 -2.47
C ILE B 110 3.62 -10.42 -3.96
N ALA B 111 4.62 -10.03 -4.77
CA ALA B 111 4.38 -9.87 -6.20
C ALA B 111 5.65 -10.17 -6.98
N HIS B 112 5.78 -11.41 -7.45
CA HIS B 112 6.90 -11.77 -8.30
C HIS B 112 6.69 -11.18 -9.69
N ASN B 113 7.69 -11.36 -10.55
CA ASN B 113 7.66 -10.83 -11.91
C ASN B 113 7.90 -11.96 -12.90
N TYR B 114 7.02 -12.08 -13.90
CA TYR B 114 6.99 -13.24 -14.78
C TYR B 114 7.04 -12.81 -16.24
N TRP B 115 7.52 -13.73 -17.08
CA TRP B 115 7.52 -13.57 -18.54
C TRP B 115 7.00 -14.85 -19.17
N GLY B 116 6.72 -14.78 -20.47
CA GLY B 116 6.06 -15.87 -21.17
C GLY B 116 6.97 -16.96 -21.69
N GLN B 117 6.70 -17.42 -22.91
CA GLN B 117 7.42 -18.54 -23.52
C GLN B 117 8.15 -18.17 -24.79
N GLY B 118 7.46 -17.58 -25.77
CA GLY B 118 8.08 -17.25 -27.04
C GLY B 118 7.22 -17.57 -28.25
N THR B 119 7.04 -16.59 -29.14
CA THR B 119 6.19 -16.72 -30.30
C THR B 119 7.02 -16.67 -31.58
N GLN B 120 6.93 -17.71 -32.40
CA GLN B 120 7.70 -17.79 -33.64
C GLN B 120 6.96 -17.04 -34.74
N VAL B 121 7.41 -15.82 -35.04
CA VAL B 121 6.80 -14.97 -36.06
C VAL B 121 7.84 -14.78 -37.15
N THR B 122 7.73 -15.57 -38.23
CA THR B 122 8.61 -15.47 -39.38
C THR B 122 7.78 -15.08 -40.59
N VAL B 123 7.86 -13.81 -41.00
CA VAL B 123 7.15 -13.33 -42.17
C VAL B 123 8.17 -12.92 -43.23
N SER B 124 7.74 -12.96 -44.48
CA SER B 124 8.58 -12.60 -45.62
C SER B 124 7.71 -12.27 -46.81
N SER B 125 8.27 -11.49 -47.73
CA SER B 125 7.56 -11.10 -48.94
C SER B 125 7.48 -12.26 -49.93
N CYS C 7 10.63 -18.25 14.21
CA CYS C 7 9.54 -18.84 13.43
C CYS C 7 9.33 -18.24 12.02
N PRO C 8 8.92 -16.98 11.90
CA PRO C 8 8.08 -16.60 10.74
C PRO C 8 8.81 -16.15 9.49
N PHE C 9 10.14 -16.18 9.42
CA PHE C 9 10.82 -15.65 8.24
C PHE C 9 11.83 -16.63 7.65
N GLY C 10 11.62 -17.93 7.82
CA GLY C 10 12.37 -18.88 7.03
C GLY C 10 11.96 -18.90 5.57
N GLU C 11 10.76 -18.41 5.27
CA GLU C 11 10.27 -18.38 3.90
C GLU C 11 10.85 -17.22 3.10
N VAL C 12 11.09 -16.07 3.74
CA VAL C 12 11.49 -14.89 3.00
C VAL C 12 12.94 -14.97 2.54
N PHE C 13 13.74 -15.81 3.18
CA PHE C 13 15.13 -15.94 2.77
C PHE C 13 15.29 -17.01 1.71
N ASN C 14 15.00 -18.26 2.09
CA ASN C 14 15.11 -19.35 1.14
C ASN C 14 13.84 -19.52 0.32
N ALA C 15 13.57 -18.58 -0.58
CA ALA C 15 12.40 -18.69 -1.45
C ALA C 15 12.93 -18.79 -2.86
N THR C 16 12.30 -19.58 -3.71
CA THR C 16 12.84 -19.78 -5.04
C THR C 16 13.09 -18.56 -5.85
N ARG C 17 12.19 -17.60 -5.83
CA ARG C 17 12.34 -16.47 -6.70
C ARG C 17 12.07 -15.30 -5.88
N PHE C 18 12.54 -14.15 -6.31
CA PHE C 18 12.43 -12.96 -5.53
C PHE C 18 11.94 -11.91 -6.40
N ALA C 19 11.33 -10.94 -5.80
CA ALA C 19 10.76 -9.88 -6.54
C ALA C 19 11.72 -8.96 -7.11
N SER C 20 11.34 -8.10 -8.03
CA SER C 20 12.24 -7.22 -8.69
C SER C 20 12.21 -5.94 -8.07
N VAL C 21 13.08 -5.03 -8.43
CA VAL C 21 13.17 -3.81 -7.65
C VAL C 21 11.94 -2.89 -7.62
N TYR C 22 11.22 -2.66 -8.71
CA TYR C 22 10.01 -1.83 -8.65
C TYR C 22 8.89 -2.44 -7.83
N ALA C 23 8.66 -3.73 -7.94
CA ALA C 23 7.63 -4.41 -7.17
C ALA C 23 8.25 -5.04 -6.02
N TRP C 24 8.72 -4.28 -5.07
CA TRP C 24 9.42 -4.94 -3.99
C TRP C 24 8.41 -5.60 -3.07
N ASN C 25 8.71 -6.83 -2.66
CA ASN C 25 7.86 -7.51 -1.69
C ASN C 25 7.94 -6.82 -0.34
N ARG C 26 6.88 -6.93 0.45
CA ARG C 26 6.84 -6.40 1.80
C ARG C 26 6.20 -7.39 2.75
N LYS C 27 6.67 -8.64 2.70
CA LYS C 27 6.19 -9.69 3.58
C LYS C 27 6.36 -9.30 5.04
N ARG C 28 5.26 -9.22 5.76
CA ARG C 28 5.21 -8.67 7.10
C ARG C 28 5.06 -9.80 8.11
N ILE C 29 5.89 -9.78 9.15
CA ILE C 29 5.92 -10.85 10.14
C ILE C 29 5.57 -10.28 11.50
N SER C 30 4.85 -11.07 12.29
CA SER C 30 4.43 -10.69 13.64
C SER C 30 4.09 -11.94 14.43
N ASN C 31 4.25 -11.83 15.75
CA ASN C 31 3.69 -12.76 16.75
C ASN C 31 4.25 -14.17 16.65
N CYS C 32 5.58 -14.25 16.57
CA CYS C 32 6.32 -15.44 17.00
C CYS C 32 7.72 -14.97 17.39
N VAL C 33 8.44 -15.85 18.09
CA VAL C 33 9.78 -15.49 18.56
C VAL C 33 10.71 -15.56 17.34
N ALA C 34 11.59 -14.57 17.23
CA ALA C 34 12.57 -14.50 16.16
C ALA C 34 13.94 -14.67 16.79
N ASP C 35 14.51 -15.87 16.67
CA ASP C 35 15.70 -16.20 17.46
C ASP C 35 16.98 -15.58 16.92
N TYR C 36 17.02 -15.27 15.62
CA TYR C 36 18.16 -14.65 14.91
C TYR C 36 19.44 -15.48 14.96
N SER C 37 19.37 -16.73 15.44
CA SER C 37 20.56 -17.56 15.58
C SER C 37 20.98 -18.16 14.25
N VAL C 38 20.06 -18.23 13.28
CA VAL C 38 20.43 -18.58 11.91
C VAL C 38 20.81 -17.36 11.10
N LEU C 39 20.95 -16.20 11.74
CA LEU C 39 21.43 -14.99 11.09
C LEU C 39 22.69 -14.51 11.81
N TYR C 40 23.52 -13.79 11.04
CA TYR C 40 24.79 -13.14 11.42
C TYR C 40 25.92 -14.13 11.65
N ASN C 41 25.63 -15.43 11.70
CA ASN C 41 26.67 -16.47 11.64
C ASN C 41 26.21 -17.48 10.59
N SER C 42 26.50 -17.16 9.33
CA SER C 42 26.16 -18.01 8.20
C SER C 42 27.13 -17.65 7.07
N ALA C 43 27.69 -18.67 6.43
CA ALA C 43 28.68 -18.43 5.38
C ALA C 43 28.06 -17.86 4.12
N SER C 44 26.74 -17.96 3.95
CA SER C 44 26.12 -17.48 2.73
C SER C 44 26.02 -15.97 2.68
N PHE C 45 25.98 -15.30 3.82
CA PHE C 45 25.70 -13.87 3.81
C PHE C 45 26.96 -13.09 3.46
N SER C 46 26.76 -11.87 2.98
CA SER C 46 27.85 -11.05 2.50
C SER C 46 27.84 -9.62 3.01
N THR C 47 26.71 -9.11 3.47
CA THR C 47 26.64 -7.74 3.97
C THR C 47 25.50 -7.69 4.97
N PHE C 48 25.84 -7.52 6.24
CA PHE C 48 24.88 -7.48 7.34
C PHE C 48 25.16 -6.17 8.08
N LYS C 49 24.61 -5.07 7.59
CA LYS C 49 24.99 -3.75 8.09
C LYS C 49 23.77 -3.09 8.72
N CYS C 50 23.52 -3.42 9.98
CA CYS C 50 22.36 -2.88 10.67
C CYS C 50 22.63 -1.45 11.11
N TYR C 51 21.59 -0.62 11.06
CA TYR C 51 21.72 0.82 11.26
C TYR C 51 20.83 1.27 12.40
N GLY C 52 21.42 1.95 13.38
CA GLY C 52 20.70 2.36 14.57
C GLY C 52 20.51 1.29 15.61
N VAL C 53 20.76 0.03 15.27
CA VAL C 53 20.71 -1.11 16.17
C VAL C 53 21.90 -1.99 15.82
N SER C 54 22.60 -2.48 16.84
CA SER C 54 23.73 -3.37 16.59
C SER C 54 23.23 -4.73 16.10
N PRO C 55 24.04 -5.45 15.31
CA PRO C 55 23.64 -6.82 14.92
C PRO C 55 23.64 -7.79 16.08
N THR C 56 24.60 -7.66 16.99
CA THR C 56 24.51 -8.31 18.28
C THR C 56 23.50 -7.53 19.12
N LYS C 57 23.06 -8.14 20.23
CA LYS C 57 22.03 -7.68 21.16
C LYS C 57 20.67 -7.58 20.48
N LEU C 58 20.44 -8.29 19.39
CA LEU C 58 19.13 -8.32 18.75
C LEU C 58 18.28 -9.51 19.19
N ASN C 59 18.88 -10.51 19.81
CA ASN C 59 18.09 -11.59 20.37
C ASN C 59 17.34 -11.14 21.61
N ASP C 60 17.97 -10.24 22.39
CA ASP C 60 17.47 -9.89 23.71
C ASP C 60 16.51 -8.71 23.71
N LEU C 61 16.14 -8.20 22.55
CA LEU C 61 15.12 -7.17 22.47
C LEU C 61 13.80 -7.79 21.99
N CYS C 62 12.73 -6.99 22.11
CA CYS C 62 11.43 -7.37 21.57
C CYS C 62 10.85 -6.17 20.85
N PHE C 63 10.65 -6.33 19.55
CA PHE C 63 10.31 -5.24 18.64
C PHE C 63 9.07 -5.60 17.83
N THR C 64 8.30 -4.58 17.48
CA THR C 64 6.98 -4.76 16.91
C THR C 64 6.93 -4.28 15.46
N ASN C 65 5.89 -4.72 14.75
CA ASN C 65 5.56 -4.40 13.35
C ASN C 65 6.76 -4.46 12.42
N VAL C 66 7.52 -5.55 12.55
CA VAL C 66 8.75 -5.74 11.78
C VAL C 66 8.39 -6.09 10.33
N TYR C 67 8.88 -5.27 9.41
CA TYR C 67 8.68 -5.47 7.99
C TYR C 67 9.91 -6.10 7.37
N ALA C 68 9.71 -6.94 6.36
CA ALA C 68 10.80 -7.64 5.69
C ALA C 68 10.67 -7.41 4.18
N ASP C 69 11.29 -6.34 3.68
CA ASP C 69 11.32 -6.08 2.25
C ASP C 69 12.17 -7.12 1.53
N SER C 70 12.02 -7.18 0.21
CA SER C 70 12.84 -8.06 -0.60
C SER C 70 12.89 -7.55 -2.03
N PHE C 71 14.05 -7.69 -2.67
CA PHE C 71 14.21 -7.52 -4.11
C PHE C 71 15.54 -8.12 -4.52
N VAL C 72 15.93 -7.90 -5.78
CA VAL C 72 17.23 -8.34 -6.30
C VAL C 72 17.88 -7.18 -7.04
N ILE C 73 19.15 -6.93 -6.74
CA ILE C 73 19.92 -5.88 -7.38
C ILE C 73 21.31 -6.41 -7.68
N ARG C 74 22.05 -5.69 -8.50
CA ARG C 74 23.33 -6.15 -8.99
C ARG C 74 24.43 -5.82 -7.99
N GLY C 75 25.68 -5.98 -8.41
CA GLY C 75 26.83 -5.86 -7.54
C GLY C 75 27.08 -4.48 -6.98
N ASP C 76 27.41 -3.51 -7.82
CA ASP C 76 27.69 -2.16 -7.34
C ASP C 76 26.41 -1.33 -7.20
N GLU C 77 25.41 -1.92 -6.57
CA GLU C 77 24.19 -1.23 -6.20
C GLU C 77 23.77 -1.56 -4.79
N VAL C 78 24.51 -2.43 -4.09
CA VAL C 78 24.24 -2.73 -2.69
C VAL C 78 24.45 -1.50 -1.83
N ARG C 79 25.45 -0.69 -2.17
CA ARG C 79 25.77 0.50 -1.39
C ARG C 79 24.81 1.67 -1.64
N GLN C 80 23.68 1.43 -2.31
CA GLN C 80 22.63 2.43 -2.46
C GLN C 80 21.40 2.11 -1.62
N ILE C 81 21.48 1.11 -0.73
CA ILE C 81 20.36 0.76 0.13
C ILE C 81 20.64 1.35 1.50
N ALA C 82 21.73 2.10 1.61
CA ALA C 82 22.04 2.81 2.84
C ALA C 82 21.03 3.94 3.05
N PRO C 83 20.85 4.39 4.30
CA PRO C 83 20.00 5.57 4.53
C PRO C 83 20.64 6.82 3.94
N GLY C 84 20.04 7.32 2.87
CA GLY C 84 20.68 8.33 2.06
C GLY C 84 21.35 7.68 0.86
N GLN C 85 22.46 8.25 0.40
CA GLN C 85 23.25 7.78 -0.74
C GLN C 85 22.37 7.66 -1.99
N THR C 86 21.93 8.84 -2.46
CA THR C 86 21.10 8.93 -3.64
C THR C 86 21.93 8.54 -4.87
N GLY C 87 21.70 7.34 -5.37
CA GLY C 87 22.30 6.89 -6.61
C GLY C 87 21.26 6.81 -7.71
N LYS C 88 21.05 5.61 -8.26
CA LYS C 88 20.04 5.42 -9.28
C LYS C 88 18.79 4.78 -8.71
N ILE C 89 18.95 3.62 -8.06
CA ILE C 89 17.81 2.87 -7.55
C ILE C 89 17.33 3.36 -6.19
N ALA C 90 17.98 4.36 -5.61
CA ALA C 90 17.43 4.99 -4.43
C ALA C 90 16.72 6.30 -4.74
N ASP C 91 16.90 6.82 -5.95
CA ASP C 91 16.25 8.07 -6.33
C ASP C 91 14.80 7.81 -6.73
N TYR C 92 14.57 6.71 -7.46
CA TYR C 92 13.27 6.44 -8.04
C TYR C 92 12.63 5.13 -7.57
N ASN C 93 13.42 4.14 -7.19
CA ASN C 93 12.91 2.79 -7.03
C ASN C 93 12.64 2.39 -5.59
N TYR C 94 13.57 2.63 -4.67
CA TYR C 94 13.45 2.11 -3.31
C TYR C 94 14.14 3.07 -2.37
N LYS C 95 13.38 3.68 -1.53
CA LYS C 95 13.97 4.65 -0.66
C LYS C 95 13.92 4.16 0.76
N LEU C 96 15.02 4.26 1.51
CA LEU C 96 15.03 3.88 2.89
C LEU C 96 15.06 5.19 3.55
N PRO C 97 14.14 5.43 4.45
CA PRO C 97 14.04 6.76 5.03
C PRO C 97 15.19 7.06 5.91
N ASP C 98 15.49 8.33 6.15
CA ASP C 98 16.70 8.67 6.90
C ASP C 98 16.80 8.10 8.28
N ASP C 99 15.71 8.02 9.02
CA ASP C 99 15.76 7.35 10.30
C ASP C 99 15.33 5.96 9.93
N PHE C 100 16.17 4.96 10.09
CA PHE C 100 15.77 3.66 9.60
C PHE C 100 15.50 2.51 10.58
N THR C 101 16.32 2.33 11.60
CA THR C 101 16.16 1.24 12.54
C THR C 101 16.15 -0.13 11.94
N GLY C 102 16.99 -0.42 10.97
CA GLY C 102 16.88 -1.70 10.29
C GLY C 102 18.05 -2.61 10.04
N CYS C 103 17.87 -3.67 9.29
CA CYS C 103 19.01 -4.46 9.00
C CYS C 103 19.25 -4.94 7.60
N VAL C 104 19.77 -4.14 6.71
CA VAL C 104 19.92 -4.57 5.31
C VAL C 104 20.78 -5.82 5.30
N ILE C 105 20.32 -6.84 4.60
CA ILE C 105 21.00 -8.14 4.53
C ILE C 105 21.18 -8.45 3.05
N ALA C 106 22.35 -8.18 2.52
CA ALA C 106 22.61 -8.30 1.09
C ALA C 106 23.58 -9.43 0.83
N TRP C 107 23.07 -10.60 0.49
CA TRP C 107 23.90 -11.76 0.27
C TRP C 107 24.09 -11.97 -1.22
N ASN C 108 24.68 -13.10 -1.58
CA ASN C 108 25.08 -13.38 -2.95
C ASN C 108 24.33 -14.59 -3.50
N SER C 109 23.87 -14.46 -4.74
CA SER C 109 23.19 -15.56 -5.42
C SER C 109 23.53 -15.46 -6.90
N ASN C 110 24.45 -16.32 -7.34
CA ASN C 110 24.72 -16.48 -8.75
C ASN C 110 24.49 -17.89 -9.24
N ASN C 111 24.16 -18.82 -8.36
CA ASN C 111 23.78 -20.16 -8.77
C ASN C 111 22.30 -20.26 -9.13
N LEU C 112 21.47 -19.34 -8.63
CA LEU C 112 20.04 -19.42 -8.80
C LEU C 112 19.48 -18.43 -9.82
N ASP C 113 20.12 -17.27 -9.98
CA ASP C 113 19.53 -16.17 -10.75
C ASP C 113 20.33 -15.84 -12.00
N SER C 114 20.74 -16.86 -12.77
CA SER C 114 21.45 -16.64 -14.02
C SER C 114 21.15 -17.80 -14.96
N LYS C 115 20.64 -17.49 -16.14
CA LYS C 115 20.29 -18.51 -17.12
C LYS C 115 21.47 -18.77 -18.06
N VAL C 116 21.20 -19.54 -19.11
CA VAL C 116 22.21 -19.80 -20.12
C VAL C 116 22.29 -18.64 -21.12
N GLY C 117 21.14 -18.01 -21.41
CA GLY C 117 21.12 -16.85 -22.27
C GLY C 117 20.83 -15.59 -21.49
N GLY C 118 20.88 -15.70 -20.16
CA GLY C 118 20.60 -14.58 -19.30
C GLY C 118 19.17 -14.58 -18.79
N ASN C 119 19.00 -14.33 -17.51
CA ASN C 119 17.66 -14.23 -16.92
C ASN C 119 17.17 -12.80 -17.09
N TYR C 120 15.88 -12.67 -17.43
CA TYR C 120 15.29 -11.36 -17.72
C TYR C 120 14.09 -11.09 -16.82
N ASN C 121 13.93 -11.83 -15.74
CA ASN C 121 12.76 -11.71 -14.91
C ASN C 121 12.93 -10.71 -13.77
N TYR C 122 14.03 -9.98 -13.73
CA TYR C 122 14.32 -9.06 -12.62
C TYR C 122 14.57 -7.67 -13.19
N LEU C 123 13.50 -6.92 -13.43
CA LEU C 123 13.61 -5.63 -14.09
C LEU C 123 13.83 -4.54 -13.05
N TYR C 124 14.09 -3.34 -13.54
CA TYR C 124 14.24 -2.19 -12.67
C TYR C 124 13.81 -0.95 -13.43
N ARG C 125 13.76 0.17 -12.72
CA ARG C 125 13.23 1.41 -13.26
C ARG C 125 14.37 2.41 -13.43
N LEU C 126 14.80 2.61 -14.68
CA LEU C 126 15.95 3.47 -14.93
C LEU C 126 15.57 4.94 -14.85
N PHE C 127 14.66 5.39 -15.71
CA PHE C 127 14.21 6.77 -15.73
C PHE C 127 12.94 6.89 -14.92
N ARG C 128 12.76 8.03 -14.25
CA ARG C 128 11.49 8.38 -13.66
C ARG C 128 11.46 9.89 -13.49
N LYS C 129 10.31 10.47 -13.83
CA LYS C 129 10.11 11.90 -13.61
C LYS C 129 10.06 12.23 -12.12
N SER C 130 9.45 11.36 -11.33
CA SER C 130 9.22 11.66 -9.92
C SER C 130 10.45 11.32 -9.08
N ASN C 131 10.82 12.22 -8.18
CA ASN C 131 11.76 11.93 -7.11
C ASN C 131 10.93 11.38 -5.95
N LEU C 132 11.40 10.29 -5.36
CA LEU C 132 10.53 9.43 -4.59
C LEU C 132 10.41 9.95 -3.15
N LYS C 133 9.53 9.31 -2.38
CA LYS C 133 9.34 9.49 -0.95
C LYS C 133 9.81 8.19 -0.31
N PRO C 134 10.11 8.16 0.99
CA PRO C 134 10.45 6.89 1.64
C PRO C 134 9.29 5.89 1.61
N PHE C 135 9.65 4.62 1.38
CA PHE C 135 8.75 3.47 1.30
C PHE C 135 7.66 3.65 0.25
N GLU C 136 7.96 4.36 -0.84
CA GLU C 136 6.94 4.71 -1.82
C GLU C 136 7.12 3.82 -3.05
N ARG C 137 6.21 2.87 -3.22
CA ARG C 137 6.22 2.06 -4.43
C ARG C 137 5.74 2.89 -5.61
N ASP C 138 6.35 2.68 -6.77
CA ASP C 138 6.06 3.43 -7.98
C ASP C 138 5.81 2.47 -9.14
N ILE C 139 4.91 1.51 -8.92
CA ILE C 139 4.63 0.42 -9.83
C ILE C 139 4.11 0.86 -11.20
N SER C 140 3.65 2.10 -11.33
CA SER C 140 3.05 2.56 -12.59
C SER C 140 4.11 2.72 -13.67
N THR C 141 3.76 2.36 -14.91
CA THR C 141 4.71 2.33 -16.03
C THR C 141 4.49 3.40 -17.12
N GLU C 142 4.07 4.59 -16.76
CA GLU C 142 3.80 5.62 -17.76
C GLU C 142 5.06 6.19 -18.37
N ILE C 143 5.00 6.82 -19.54
CA ILE C 143 6.20 7.33 -20.28
C ILE C 143 6.91 8.55 -19.67
N TYR C 144 8.23 8.69 -19.86
CA TYR C 144 9.04 9.76 -19.20
C TYR C 144 9.34 11.08 -19.92
N GLN C 145 9.06 11.18 -21.20
CA GLN C 145 9.26 12.42 -21.93
C GLN C 145 10.63 13.07 -21.79
N ALA C 146 11.71 12.35 -22.04
CA ALA C 146 13.03 12.98 -22.01
C ALA C 146 13.11 14.21 -22.92
N GLY C 147 13.50 15.36 -22.37
CA GLY C 147 13.57 16.59 -23.15
C GLY C 147 12.23 17.29 -23.16
N SER C 148 12.21 18.62 -23.37
CA SER C 148 10.95 19.37 -23.47
C SER C 148 10.52 19.08 -24.88
N THR C 149 9.66 18.09 -25.05
CA THR C 149 9.28 17.66 -26.39
C THR C 149 7.88 17.07 -26.31
N PRO C 150 6.96 17.51 -27.16
CA PRO C 150 5.59 16.97 -27.13
C PRO C 150 5.37 15.72 -27.97
N CYS C 151 6.42 15.06 -28.46
CA CYS C 151 6.29 13.82 -29.22
C CYS C 151 5.97 12.69 -28.23
N ASN C 152 4.69 12.57 -27.90
CA ASN C 152 4.26 11.68 -26.83
C ASN C 152 4.13 10.24 -27.29
N GLY C 153 3.22 9.99 -28.23
CA GLY C 153 2.85 8.63 -28.57
C GLY C 153 3.83 7.86 -29.44
N VAL C 154 4.96 8.45 -29.79
CA VAL C 154 5.84 7.82 -30.77
C VAL C 154 6.78 6.81 -30.11
N GLU C 155 7.23 7.10 -28.89
CA GLU C 155 8.08 6.25 -28.04
C GLU C 155 9.47 6.00 -28.63
N GLY C 156 9.83 6.71 -29.71
CA GLY C 156 11.13 6.49 -30.32
C GLY C 156 12.26 7.12 -29.54
N PHE C 157 12.26 8.45 -29.45
CA PHE C 157 13.26 9.16 -28.67
C PHE C 157 12.59 10.37 -28.05
N ASN C 158 13.34 11.05 -27.17
CA ASN C 158 12.90 12.18 -26.34
C ASN C 158 11.72 11.81 -25.43
N CYS C 159 11.54 10.52 -25.15
CA CYS C 159 10.55 9.95 -24.26
C CYS C 159 10.90 8.47 -24.12
N TYR C 160 10.77 7.95 -22.90
CA TYR C 160 11.27 6.61 -22.61
C TYR C 160 10.26 5.81 -21.81
N PHE C 161 10.13 4.55 -22.19
CA PHE C 161 9.43 3.55 -21.39
C PHE C 161 10.30 3.20 -20.20
N PRO C 162 9.87 3.46 -18.96
CA PRO C 162 10.83 3.59 -17.85
C PRO C 162 11.43 2.27 -17.38
N LEU C 163 10.70 1.17 -17.47
CA LEU C 163 11.24 -0.10 -16.99
C LEU C 163 12.26 -0.63 -17.99
N GLN C 164 13.31 -1.27 -17.47
CA GLN C 164 14.37 -1.80 -18.29
C GLN C 164 14.91 -3.03 -17.57
N SER C 165 15.39 -4.01 -18.33
CA SER C 165 15.76 -5.28 -17.75
C SER C 165 17.25 -5.33 -17.42
N TYR C 166 17.60 -6.17 -16.45
CA TYR C 166 19.00 -6.33 -16.07
C TYR C 166 19.75 -7.27 -17.01
N GLY C 167 19.37 -8.54 -17.00
CA GLY C 167 20.13 -9.54 -17.72
C GLY C 167 21.26 -10.05 -16.86
N PHE C 168 21.29 -11.35 -16.59
CA PHE C 168 22.28 -11.94 -15.69
C PHE C 168 22.90 -13.17 -16.33
N GLN C 169 24.05 -13.00 -16.94
CA GLN C 169 24.80 -14.11 -17.52
C GLN C 169 25.88 -14.55 -16.55
N PRO C 170 26.14 -15.86 -16.43
CA PRO C 170 27.09 -16.34 -15.41
C PRO C 170 28.55 -16.10 -15.73
N THR C 171 28.86 -15.56 -16.91
CA THR C 171 30.23 -15.21 -17.27
C THR C 171 30.58 -13.80 -16.81
N ASN C 172 29.60 -13.05 -16.30
CA ASN C 172 29.77 -11.65 -15.93
C ASN C 172 30.67 -11.50 -14.71
N GLY C 173 31.09 -10.27 -14.46
CA GLY C 173 31.99 -9.97 -13.37
C GLY C 173 31.26 -9.84 -12.03
N VAL C 174 32.06 -9.53 -11.00
CA VAL C 174 31.51 -9.42 -9.65
C VAL C 174 30.61 -8.20 -9.52
N GLY C 175 30.86 -7.16 -10.31
CA GLY C 175 30.08 -5.94 -10.22
C GLY C 175 28.69 -6.02 -10.76
N TYR C 176 28.32 -7.07 -11.49
CA TYR C 176 26.99 -7.14 -12.07
C TYR C 176 26.30 -8.48 -11.86
N GLN C 177 26.78 -9.31 -10.96
CA GLN C 177 25.98 -10.46 -10.58
C GLN C 177 24.86 -10.02 -9.63
N PRO C 178 23.73 -10.72 -9.60
CA PRO C 178 22.63 -10.28 -8.74
C PRO C 178 22.83 -10.66 -7.28
N TYR C 179 22.45 -9.73 -6.41
CA TYR C 179 22.61 -9.86 -4.96
C TYR C 179 21.23 -9.71 -4.31
N ARG C 180 20.66 -10.84 -3.87
CA ARG C 180 19.31 -10.87 -3.30
C ARG C 180 19.30 -10.18 -1.96
N VAL C 181 19.01 -8.88 -1.91
CA VAL C 181 18.97 -8.23 -0.60
C VAL C 181 17.67 -8.56 0.10
N VAL C 182 17.65 -8.34 1.41
CA VAL C 182 16.47 -8.48 2.26
C VAL C 182 16.59 -7.39 3.31
N VAL C 183 15.60 -6.52 3.41
CA VAL C 183 15.70 -5.42 4.35
C VAL C 183 14.71 -5.61 5.50
N LEU C 184 15.15 -6.23 6.58
CA LEU C 184 14.35 -6.29 7.80
C LEU C 184 14.26 -4.88 8.38
N SER C 185 13.06 -4.32 8.39
CA SER C 185 12.83 -3.00 8.96
C SER C 185 11.86 -3.12 10.11
N PHE C 186 12.16 -2.46 11.23
CA PHE C 186 11.29 -2.50 12.39
C PHE C 186 11.45 -1.21 13.18
N GLU C 187 10.35 -0.77 13.77
CA GLU C 187 10.34 0.37 14.68
C GLU C 187 9.69 -0.07 15.98
N LEU C 188 9.62 0.85 16.94
CA LEU C 188 8.98 0.53 18.21
C LEU C 188 7.46 0.58 18.06
C1 NAG D . -11.94 -11.67 -6.72
C2 NAG D . -11.86 -10.48 -7.68
C3 NAG D . -11.75 -10.97 -9.12
C4 NAG D . -10.55 -11.91 -9.24
C5 NAG D . -10.66 -13.04 -8.23
C6 NAG D . -9.45 -13.94 -8.27
C7 NAG D . -14.29 -9.90 -7.50
C8 NAG D . -15.08 -9.59 -8.74
N2 NAG D . -12.99 -9.56 -7.53
O3 NAG D . -11.57 -9.86 -10.00
O4 NAG D . -10.50 -12.44 -10.56
O5 NAG D . -10.81 -12.52 -6.91
O6 NAG D . -9.62 -15.01 -7.33
O7 NAG D . -14.83 -10.39 -6.52
C1 NAG E . -11.41 5.70 42.25
C2 NAG E . -12.26 6.88 42.71
C3 NAG E . -12.81 6.59 44.10
C4 NAG E . -13.58 5.28 44.09
C5 NAG E . -12.69 4.16 43.58
C6 NAG E . -13.45 2.85 43.49
C7 NAG E . -11.46 8.99 41.80
C8 NAG E . -10.75 10.27 42.13
N2 NAG E . -11.48 8.09 42.78
O3 NAG E . -13.69 7.66 44.49
O4 NAG E . -14.02 4.97 45.41
O5 NAG E . -12.18 4.49 42.30
O6 NAG E . -14.43 2.96 42.45
O7 NAG E . -11.98 8.79 40.72
C1 NAG F . -23.67 -12.11 11.03
C2 NAG F . -24.29 -13.49 11.17
C3 NAG F . -23.19 -14.54 11.23
C4 NAG F . -22.32 -14.41 9.98
C5 NAG F . -21.78 -12.99 9.88
C6 NAG F . -20.94 -12.84 8.62
C7 NAG F . -26.42 -13.47 12.37
C8 NAG F . -27.19 -14.75 12.33
N2 NAG F . -25.10 -13.59 12.37
O3 NAG F . -23.75 -15.84 11.28
O4 NAG F . -21.23 -15.33 10.06
O5 NAG F . -22.85 -12.05 9.86
O6 NAG F . -20.28 -11.56 8.62
O7 NAG F . -26.98 -12.39 12.41
C1 NAG G . 18.26 -21.40 4.28
C2 NAG G . 18.20 -20.89 5.72
C3 NAG G . 19.60 -20.85 6.30
C4 NAG G . 20.22 -22.23 6.18
C5 NAG G . 20.21 -22.69 4.73
C6 NAG G . 20.78 -24.09 4.59
C7 NAG G . 16.40 -19.39 6.31
C8 NAG G . 16.27 -18.30 7.33
N2 NAG G . 17.61 -19.57 5.81
O3 NAG G . 19.55 -20.47 7.68
O4 NAG G . 21.57 -22.19 6.65
O5 NAG G . 18.88 -22.67 4.22
O6 NAG G . 19.86 -25.02 5.18
O7 NAG G . 15.46 -20.08 5.96
#